data_7A6G
#
_entry.id   7A6G
#
_cell.length_a   49.428
_cell.length_b   65.033
_cell.length_c   85.016
_cell.angle_alpha   90.000
_cell.angle_beta   90.000
_cell.angle_gamma   90.000
#
_symmetry.space_group_name_H-M   'P 21 21 21'
#
loop_
_entity.id
_entity.type
_entity.pdbx_description
1 polymer 'Putative Proline iminopeptidase'
2 non-polymer 'PHOSPHATE ION'
3 water water
#
_entity_poly.entity_id   1
_entity_poly.type   'polypeptide(L)'
_entity_poly.pdbx_seq_one_letter_code
;MADMADMTIKEGFAPFGDYQTWYRITGDLRGGGTPLVILHGGPGCTHDYVDSFKDIANTGRAVIHYDQLGNGKSTHLPDM
GSEFWTVDLFLSELDNLLEYLEIADDYALLGQSWGGMLASEHAVLQPTGLQALIIANSPADMHTWVSEANRLREELPDDV
QATLLKHEEAGTLTDPAYLTASRVFYDRHVCRITPWPVEVERTFHQIDEDPTVYRAMNGPTEFHVIGTMKDWSIVDRLSN
INVPTLVISGFYDEATPLVIQPYVDNIPDVRQSVFQESSHMPHVEERMACMGRVADFLDEVATSGKALPGVKARFGIEGR
LEHHHHHH
;
_entity_poly.pdbx_strand_id   A
#
loop_
_chem_comp.id
_chem_comp.type
_chem_comp.name
_chem_comp.formula
PO4 non-polymer 'PHOSPHATE ION' 'O4 P -3'
#
# COMPACT_ATOMS: atom_id res chain seq x y z
N ASP A 3 5.89 22.90 -17.70
CA ASP A 3 4.69 22.18 -17.31
C ASP A 3 4.36 21.05 -18.27
N MET A 4 4.70 21.19 -19.55
CA MET A 4 4.58 20.07 -20.48
CA MET A 4 4.55 20.07 -20.46
C MET A 4 5.36 18.87 -19.98
N ALA A 5 6.58 19.12 -19.48
CA ALA A 5 7.38 18.05 -18.88
C ALA A 5 6.62 17.35 -17.75
N ASP A 6 5.78 18.09 -17.02
CA ASP A 6 5.01 17.49 -15.94
C ASP A 6 3.87 16.61 -16.44
N MET A 7 3.49 16.72 -17.72
CA MET A 7 2.38 15.93 -18.22
CA MET A 7 2.39 15.97 -18.31
C MET A 7 2.83 14.72 -19.02
N THR A 8 4.12 14.39 -18.98
CA THR A 8 4.65 13.24 -19.69
C THR A 8 4.22 11.95 -19.02
N ILE A 9 3.99 10.91 -19.84
CA ILE A 9 3.77 9.57 -19.34
C ILE A 9 4.66 8.63 -20.11
N LYS A 10 5.28 7.71 -19.38
CA LYS A 10 6.07 6.64 -19.97
CA LYS A 10 6.14 6.65 -19.92
C LYS A 10 5.77 5.35 -19.22
N GLU A 11 5.81 4.25 -19.95
CA GLU A 11 5.56 2.93 -19.35
C GLU A 11 6.64 1.97 -19.80
N GLY A 12 6.90 0.95 -18.99
CA GLY A 12 7.87 -0.04 -19.40
C GLY A 12 7.87 -1.22 -18.46
N PHE A 13 8.85 -2.09 -18.67
CA PHE A 13 9.09 -3.24 -17.82
C PHE A 13 10.55 -3.19 -17.38
N ALA A 14 10.76 -3.34 -16.08
CA ALA A 14 12.09 -3.54 -15.55
C ALA A 14 12.30 -5.04 -15.41
N PRO A 15 13.21 -5.65 -16.15
CA PRO A 15 13.50 -7.06 -15.93
C PRO A 15 13.95 -7.29 -14.50
N PHE A 16 13.40 -8.34 -13.87
CA PHE A 16 13.72 -8.67 -12.49
C PHE A 16 13.89 -10.20 -12.46
N GLY A 17 15.13 -10.65 -12.48
CA GLY A 17 15.38 -12.07 -12.71
C GLY A 17 14.80 -12.48 -14.05
N ASP A 18 14.09 -13.61 -14.07
CA ASP A 18 13.36 -14.02 -15.27
C ASP A 18 12.04 -13.29 -15.44
N TYR A 19 11.72 -12.36 -14.56
CA TYR A 19 10.38 -11.79 -14.52
C TYR A 19 10.43 -10.35 -15.00
N GLN A 20 9.24 -9.72 -15.03
CA GLN A 20 9.08 -8.36 -15.50
CA GLN A 20 9.05 -8.36 -15.52
C GLN A 20 8.33 -7.54 -14.46
N THR A 21 8.87 -6.38 -14.13
CA THR A 21 8.20 -5.43 -13.24
C THR A 21 7.64 -4.32 -14.10
N TRP A 22 6.31 -4.25 -14.22
CA TRP A 22 5.71 -3.13 -14.94
C TRP A 22 5.85 -1.86 -14.12
N TYR A 23 6.15 -0.75 -14.80
CA TYR A 23 6.20 0.55 -14.14
C TYR A 23 5.58 1.61 -15.05
N ARG A 24 5.19 2.72 -14.45
CA ARG A 24 4.68 3.89 -15.15
CA ARG A 24 4.69 3.89 -15.15
C ARG A 24 5.33 5.11 -14.52
N ILE A 25 5.81 6.03 -15.35
CA ILE A 25 6.40 7.29 -14.90
C ILE A 25 5.53 8.42 -15.40
N THR A 26 4.98 9.20 -14.48
CA THR A 26 4.19 10.37 -14.81
C THR A 26 4.97 11.60 -14.39
N GLY A 27 5.24 12.49 -15.32
CA GLY A 27 5.92 13.74 -15.00
C GLY A 27 7.40 13.75 -15.34
N ASP A 28 8.09 14.73 -14.76
CA ASP A 28 9.42 15.15 -15.19
C ASP A 28 10.49 14.40 -14.41
N LEU A 29 10.87 13.22 -14.93
CA LEU A 29 11.75 12.34 -14.17
C LEU A 29 13.12 12.97 -13.94
N ARG A 30 13.71 13.59 -14.96
CA ARG A 30 15.07 14.07 -14.81
C ARG A 30 15.18 15.57 -14.57
N GLY A 31 14.16 16.35 -14.90
CA GLY A 31 14.23 17.78 -14.69
C GLY A 31 13.53 18.20 -13.42
N GLY A 32 12.65 17.34 -12.93
CA GLY A 32 11.88 17.63 -11.74
C GLY A 32 12.70 17.42 -10.47
N GLY A 33 11.99 17.40 -9.36
CA GLY A 33 12.60 17.15 -8.08
C GLY A 33 12.83 15.68 -7.83
N THR A 34 12.99 15.35 -6.56
CA THR A 34 13.11 13.97 -6.15
C THR A 34 11.89 13.18 -6.65
N PRO A 35 12.08 12.15 -7.46
CA PRO A 35 10.92 11.36 -7.92
C PRO A 35 10.31 10.58 -6.76
N LEU A 36 9.00 10.35 -6.86
CA LEU A 36 8.24 9.68 -5.81
C LEU A 36 7.76 8.33 -6.34
N VAL A 37 8.18 7.25 -5.66
CA VAL A 37 7.77 5.89 -6.02
C VAL A 37 6.59 5.50 -5.13
N ILE A 38 5.51 5.03 -5.77
CA ILE A 38 4.29 4.64 -5.06
C ILE A 38 4.31 3.14 -4.86
N LEU A 39 4.24 2.70 -3.61
CA LEU A 39 4.21 1.29 -3.28
C LEU A 39 2.79 0.90 -2.88
N HIS A 40 2.14 0.11 -3.72
CA HIS A 40 0.78 -0.31 -3.43
C HIS A 40 0.77 -1.36 -2.32
N GLY A 41 -0.43 -1.66 -1.82
CA GLY A 41 -0.63 -2.54 -0.69
C GLY A 41 -0.94 -3.98 -1.10
N GLY A 42 -1.62 -4.68 -0.20
CA GLY A 42 -1.82 -6.09 -0.31
C GLY A 42 -1.15 -6.86 0.82
N PRO A 43 -0.03 -7.54 0.55
CA PRO A 43 0.68 -7.73 -0.71
C PRO A 43 -0.25 -8.34 -1.76
N GLY A 44 -0.01 -8.14 -3.05
CA GLY A 44 -0.87 -8.79 -4.04
C GLY A 44 -1.92 -7.89 -4.59
N CYS A 45 -1.83 -6.60 -4.27
CA CYS A 45 -2.70 -5.60 -4.92
C CYS A 45 -2.00 -5.08 -6.19
N THR A 46 -2.52 -4.02 -6.75
CA THR A 46 -1.93 -3.43 -7.96
C THR A 46 -1.86 -1.91 -7.77
N HIS A 47 -1.22 -1.26 -8.70
CA HIS A 47 -1.11 0.19 -8.67
C HIS A 47 -2.45 0.88 -8.87
N ASP A 48 -3.43 0.17 -9.42
CA ASP A 48 -4.63 0.83 -9.94
C ASP A 48 -5.32 1.66 -8.86
N TYR A 49 -5.54 1.08 -7.68
CA TYR A 49 -6.33 1.83 -6.70
C TYR A 49 -5.56 3.02 -6.13
N VAL A 50 -4.24 3.10 -6.31
CA VAL A 50 -3.43 4.26 -5.89
C VAL A 50 -3.00 5.10 -7.11
N ASP A 51 -3.73 4.97 -8.21
CA ASP A 51 -3.53 5.78 -9.41
C ASP A 51 -3.53 7.28 -9.10
N SER A 52 -4.42 7.73 -8.22
CA SER A 52 -4.65 9.14 -7.95
C SER A 52 -3.37 9.89 -7.55
N PHE A 53 -2.34 9.19 -7.05
CA PHE A 53 -1.11 9.89 -6.68
C PHE A 53 -0.36 10.47 -7.87
N LYS A 54 -0.74 10.13 -9.11
CA LYS A 54 -0.18 10.83 -10.26
C LYS A 54 -0.41 12.34 -10.19
N ASP A 55 -1.39 12.78 -9.38
CA ASP A 55 -1.63 14.21 -9.20
C ASP A 55 -0.38 14.95 -8.76
N ILE A 56 0.49 14.28 -7.99
CA ILE A 56 1.67 14.95 -7.47
C ILE A 56 2.62 15.36 -8.59
N ALA A 57 2.49 14.72 -9.77
CA ALA A 57 3.33 15.09 -10.92
C ALA A 57 3.13 16.53 -11.33
N ASN A 58 1.93 17.07 -11.10
CA ASN A 58 1.70 18.46 -11.46
C ASN A 58 2.42 19.43 -10.55
N THR A 59 3.06 18.95 -9.47
CA THR A 59 3.83 19.84 -8.61
C THR A 59 5.32 19.86 -8.98
N GLY A 60 5.71 19.21 -10.06
CA GLY A 60 7.03 19.35 -10.60
C GLY A 60 7.99 18.23 -10.27
N ARG A 61 7.49 17.08 -9.79
CA ARG A 61 8.33 15.91 -9.64
C ARG A 61 7.62 14.73 -10.27
N ALA A 62 8.39 13.75 -10.72
CA ALA A 62 7.77 12.57 -11.31
C ALA A 62 7.17 11.67 -10.25
N VAL A 63 6.14 10.93 -10.65
CA VAL A 63 5.50 9.93 -9.81
C VAL A 63 5.64 8.60 -10.52
N ILE A 64 6.19 7.60 -9.82
CA ILE A 64 6.45 6.29 -10.40
C ILE A 64 5.51 5.29 -9.77
N HIS A 65 4.63 4.70 -10.59
CA HIS A 65 3.83 3.55 -10.18
C HIS A 65 4.46 2.28 -10.70
N TYR A 66 4.21 1.19 -10.00
CA TYR A 66 4.61 -0.11 -10.51
C TYR A 66 3.79 -1.18 -9.82
N ASP A 67 3.65 -2.30 -10.51
CA ASP A 67 2.91 -3.45 -10.01
C ASP A 67 3.94 -4.42 -9.44
N GLN A 68 3.79 -4.73 -8.17
CA GLN A 68 4.73 -5.66 -7.59
C GLN A 68 4.56 -7.03 -8.23
N LEU A 69 5.69 -7.74 -8.32
CA LEU A 69 5.69 -9.08 -8.91
C LEU A 69 4.52 -9.90 -8.39
N GLY A 70 3.86 -10.60 -9.29
CA GLY A 70 2.82 -11.53 -8.91
C GLY A 70 1.40 -11.08 -9.19
N ASN A 71 1.18 -9.82 -9.58
CA ASN A 71 -0.17 -9.41 -9.97
C ASN A 71 -0.10 -8.23 -10.93
N GLY A 72 -1.27 -7.85 -11.44
CA GLY A 72 -1.32 -6.66 -12.29
C GLY A 72 -0.66 -6.91 -13.62
N LYS A 73 0.06 -5.89 -14.09
CA LYS A 73 0.75 -5.98 -15.37
C LYS A 73 2.12 -6.62 -15.25
N SER A 74 2.56 -6.91 -14.04
CA SER A 74 3.84 -7.58 -13.85
C SER A 74 3.68 -9.09 -14.08
N THR A 75 4.78 -9.83 -14.01
CA THR A 75 4.73 -11.28 -14.19
C THR A 75 3.85 -11.94 -13.12
N HIS A 76 2.91 -12.76 -13.56
CA HIS A 76 2.14 -13.59 -12.64
C HIS A 76 2.85 -14.92 -12.45
N LEU A 77 2.83 -15.44 -11.23
CA LEU A 77 3.48 -16.72 -10.91
C LEU A 77 2.56 -17.54 -10.01
N PRO A 78 1.42 -18.02 -10.55
CA PRO A 78 0.46 -18.73 -9.71
C PRO A 78 0.94 -20.07 -9.17
N ASP A 79 2.04 -20.63 -9.69
N ASP A 79 2.04 -20.64 -9.70
CA ASP A 79 2.52 -21.88 -9.12
CA ASP A 79 2.54 -21.88 -9.13
C ASP A 79 3.34 -21.66 -7.86
C ASP A 79 3.31 -21.66 -7.84
N MET A 80 3.65 -20.42 -7.51
CA MET A 80 4.46 -20.11 -6.34
CA MET A 80 4.46 -20.13 -6.34
C MET A 80 3.57 -19.97 -5.10
N GLY A 81 4.02 -20.55 -3.99
CA GLY A 81 3.27 -20.56 -2.76
C GLY A 81 3.85 -19.66 -1.69
N SER A 82 3.49 -19.96 -0.44
CA SER A 82 3.88 -19.14 0.71
C SER A 82 5.39 -18.99 0.83
N GLU A 83 6.16 -19.97 0.35
CA GLU A 83 7.61 -19.94 0.55
C GLU A 83 8.31 -18.97 -0.39
N PHE A 84 7.70 -18.66 -1.53
CA PHE A 84 8.30 -17.76 -2.51
C PHE A 84 8.03 -16.31 -2.16
N TRP A 85 6.82 -16.00 -1.67
CA TRP A 85 6.32 -14.63 -1.52
C TRP A 85 6.76 -14.08 -0.17
N THR A 86 7.85 -13.32 -0.16
CA THR A 86 8.45 -12.88 1.08
C THR A 86 8.71 -11.38 1.03
N VAL A 87 8.94 -10.79 2.21
CA VAL A 87 9.40 -9.41 2.29
C VAL A 87 10.69 -9.23 1.49
N ASP A 88 11.62 -10.19 1.62
CA ASP A 88 12.90 -10.04 0.93
CA ASP A 88 12.91 -10.06 0.93
C ASP A 88 12.72 -10.04 -0.58
N LEU A 89 11.79 -10.85 -1.10
CA LEU A 89 11.50 -10.80 -2.54
C LEU A 89 11.10 -9.39 -2.98
N PHE A 90 10.15 -8.77 -2.27
CA PHE A 90 9.69 -7.47 -2.72
C PHE A 90 10.70 -6.36 -2.41
N LEU A 91 11.52 -6.51 -1.36
CA LEU A 91 12.62 -5.57 -1.16
C LEU A 91 13.60 -5.62 -2.33
N SER A 92 13.91 -6.84 -2.78
CA SER A 92 14.80 -7.00 -3.93
CA SER A 92 14.81 -6.99 -3.94
C SER A 92 14.20 -6.39 -5.20
N GLU A 93 12.90 -6.62 -5.43
CA GLU A 93 12.27 -6.06 -6.61
C GLU A 93 12.29 -4.54 -6.59
N LEU A 94 12.05 -3.95 -5.42
CA LEU A 94 12.11 -2.49 -5.29
C LEU A 94 13.51 -1.98 -5.59
N ASP A 95 14.54 -2.61 -5.02
CA ASP A 95 15.90 -2.17 -5.29
C ASP A 95 16.23 -2.31 -6.77
N ASN A 96 15.71 -3.37 -7.41
CA ASN A 96 15.94 -3.57 -8.83
C ASN A 96 15.30 -2.47 -9.66
N LEU A 97 14.06 -2.09 -9.33
CA LEU A 97 13.40 -1.04 -10.07
C LEU A 97 14.12 0.30 -9.90
N LEU A 98 14.56 0.60 -8.67
CA LEU A 98 15.24 1.87 -8.43
C LEU A 98 16.54 1.96 -9.24
N GLU A 99 17.32 0.88 -9.25
N GLU A 99 17.30 0.88 -9.28
CA GLU A 99 18.53 0.86 -10.04
CA GLU A 99 18.54 0.90 -10.05
C GLU A 99 18.23 0.95 -11.53
C GLU A 99 18.26 0.91 -11.54
N TYR A 100 17.21 0.22 -11.98
CA TYR A 100 16.86 0.18 -13.41
C TYR A 100 16.49 1.57 -13.93
N LEU A 101 15.72 2.32 -13.16
CA LEU A 101 15.38 3.69 -13.54
C LEU A 101 16.49 4.68 -13.23
N GLU A 102 17.58 4.22 -12.61
CA GLU A 102 18.69 5.09 -12.22
C GLU A 102 18.21 6.26 -11.35
N ILE A 103 17.40 5.95 -10.33
CA ILE A 103 16.96 6.94 -9.36
C ILE A 103 17.42 6.59 -7.95
N ALA A 104 18.26 5.56 -7.80
CA ALA A 104 18.62 5.07 -6.46
C ALA A 104 19.49 6.05 -5.68
N ASP A 105 19.98 7.11 -6.32
N ASP A 105 19.97 7.11 -6.31
CA ASP A 105 20.71 8.15 -5.62
CA ASP A 105 20.71 8.14 -5.57
C ASP A 105 19.78 9.21 -5.02
C ASP A 105 19.82 9.27 -5.10
N ASP A 106 18.56 9.33 -5.54
CA ASP A 106 17.66 10.41 -5.13
C ASP A 106 16.22 9.99 -5.39
N TYR A 107 15.54 9.46 -4.37
CA TYR A 107 14.15 9.05 -4.51
C TYR A 107 13.41 9.20 -3.19
N ALA A 108 12.08 9.24 -3.29
CA ALA A 108 11.22 9.21 -2.13
C ALA A 108 10.19 8.10 -2.32
N LEU A 109 9.74 7.51 -1.21
CA LEU A 109 8.76 6.43 -1.24
C LEU A 109 7.49 6.83 -0.53
N LEU A 110 6.36 6.54 -1.16
CA LEU A 110 5.05 6.55 -0.52
C LEU A 110 4.55 5.10 -0.51
N GLY A 111 4.29 4.56 0.67
CA GLY A 111 3.76 3.22 0.80
C GLY A 111 2.36 3.28 1.41
N GLN A 112 1.43 2.58 0.75
CA GLN A 112 0.03 2.55 1.16
CA GLN A 112 0.03 2.55 1.16
C GLN A 112 -0.27 1.15 1.70
N SER A 113 -0.62 1.09 2.99
CA SER A 113 -0.96 -0.18 3.67
C SER A 113 0.25 -1.12 3.64
N TRP A 114 0.17 -2.30 3.01
CA TRP A 114 1.37 -3.13 2.87
C TRP A 114 2.52 -2.34 2.27
N GLY A 115 2.21 -1.42 1.36
CA GLY A 115 3.27 -0.63 0.75
C GLY A 115 4.09 0.15 1.77
N GLY A 116 3.42 0.67 2.81
CA GLY A 116 4.14 1.33 3.89
C GLY A 116 4.95 0.37 4.74
N MET A 117 4.45 -0.85 4.95
CA MET A 117 5.25 -1.87 5.61
C MET A 117 6.52 -2.13 4.82
N LEU A 118 6.36 -2.36 3.52
CA LEU A 118 7.49 -2.61 2.63
C LEU A 118 8.43 -1.43 2.58
N ALA A 119 7.89 -0.22 2.49
CA ALA A 119 8.71 0.98 2.49
C ALA A 119 9.48 1.12 3.80
N SER A 120 8.84 0.78 4.92
CA SER A 120 9.55 0.85 6.19
C SER A 120 10.65 -0.20 6.28
N GLU A 121 10.41 -1.42 5.78
CA GLU A 121 11.45 -2.44 5.74
C GLU A 121 12.64 -1.93 4.92
N HIS A 122 12.35 -1.27 3.82
CA HIS A 122 13.39 -0.68 2.98
C HIS A 122 14.14 0.43 3.73
N ALA A 123 13.40 1.32 4.40
CA ALA A 123 14.01 2.50 5.02
C ALA A 123 14.77 2.18 6.31
N VAL A 124 14.37 1.15 7.07
CA VAL A 124 15.13 0.85 8.30
C VAL A 124 16.53 0.35 8.01
N LEU A 125 16.83 0.02 6.75
CA LEU A 125 18.19 -0.28 6.34
C LEU A 125 19.01 0.97 6.04
N GLN A 126 18.43 2.15 6.22
CA GLN A 126 19.08 3.43 5.93
C GLN A 126 19.71 3.51 4.53
N PRO A 127 18.95 3.26 3.47
CA PRO A 127 19.51 3.46 2.12
C PRO A 127 19.86 4.92 1.89
N THR A 128 21.00 5.12 1.23
CA THR A 128 21.53 6.48 1.15
C THR A 128 20.73 7.36 0.19
N GLY A 129 20.17 6.81 -0.88
CA GLY A 129 19.45 7.65 -1.81
C GLY A 129 18.05 8.03 -1.39
N LEU A 130 17.52 7.43 -0.33
CA LEU A 130 16.17 7.74 0.14
C LEU A 130 16.14 9.14 0.75
N GLN A 131 15.19 9.96 0.29
CA GLN A 131 15.09 11.33 0.77
C GLN A 131 13.93 11.55 1.73
N ALA A 132 12.90 10.72 1.69
CA ALA A 132 11.66 11.08 2.36
C ALA A 132 10.76 9.87 2.28
N LEU A 133 9.96 9.70 3.31
CA LEU A 133 9.06 8.57 3.41
C LEU A 133 7.66 9.03 3.75
N ILE A 134 6.66 8.54 3.02
CA ILE A 134 5.26 8.69 3.41
C ILE A 134 4.70 7.31 3.74
N ILE A 135 4.13 7.17 4.92
CA ILE A 135 3.48 5.95 5.36
CA ILE A 135 3.47 5.96 5.37
C ILE A 135 1.99 6.25 5.43
N ALA A 136 1.22 5.62 4.54
CA ALA A 136 -0.21 5.90 4.40
C ALA A 136 -0.98 4.65 4.79
N ASN A 137 -1.73 4.75 5.90
CA ASN A 137 -2.73 3.75 6.28
C ASN A 137 -2.08 2.39 6.53
N SER A 138 -0.97 2.38 7.29
CA SER A 138 -0.19 1.14 7.44
C SER A 138 -0.11 0.70 8.90
N PRO A 139 -0.04 -0.61 9.14
CA PRO A 139 0.33 -1.10 10.46
C PRO A 139 1.84 -1.20 10.61
N ALA A 140 2.28 -1.17 11.87
CA ALA A 140 3.66 -1.50 12.23
C ALA A 140 3.76 -2.89 12.87
N ASP A 141 2.63 -3.51 13.21
CA ASP A 141 2.56 -4.81 13.87
C ASP A 141 1.26 -5.44 13.41
N MET A 142 1.33 -6.61 12.78
CA MET A 142 0.13 -7.24 12.22
CA MET A 142 0.12 -7.19 12.23
C MET A 142 -0.84 -7.72 13.29
N HIS A 143 -0.36 -8.04 14.49
CA HIS A 143 -1.30 -8.43 15.55
C HIS A 143 -2.20 -7.28 15.95
N THR A 144 -1.65 -6.07 15.98
CA THR A 144 -2.45 -4.88 16.26
C THR A 144 -3.48 -4.64 15.16
N TRP A 145 -3.06 -4.80 13.90
CA TRP A 145 -3.99 -4.72 12.79
C TRP A 145 -5.19 -5.61 13.00
N VAL A 146 -4.94 -6.89 13.28
CA VAL A 146 -6.03 -7.85 13.44
C VAL A 146 -6.83 -7.55 14.70
N SER A 147 -6.14 -7.19 15.79
CA SER A 147 -6.88 -6.87 17.01
CA SER A 147 -6.85 -6.85 17.02
C SER A 147 -7.80 -5.68 16.80
N GLU A 148 -7.33 -4.63 16.11
CA GLU A 148 -8.21 -3.50 15.83
C GLU A 148 -9.27 -3.86 14.79
N ALA A 149 -8.93 -4.70 13.82
CA ALA A 149 -9.94 -5.19 12.88
C ALA A 149 -11.06 -5.89 13.63
N ASN A 150 -10.69 -6.72 14.60
CA ASN A 150 -11.69 -7.46 15.39
C ASN A 150 -12.57 -6.50 16.17
N ARG A 151 -11.97 -5.48 16.79
CA ARG A 151 -12.74 -4.44 17.47
C ARG A 151 -13.74 -3.79 16.52
N LEU A 152 -13.31 -3.48 15.29
CA LEU A 152 -14.25 -2.88 14.34
C LEU A 152 -15.31 -3.89 13.91
N ARG A 153 -14.96 -5.18 13.85
CA ARG A 153 -15.94 -6.18 13.45
C ARG A 153 -17.05 -6.31 14.48
N GLU A 154 -16.72 -6.07 15.76
CA GLU A 154 -17.75 -6.12 16.79
CA GLU A 154 -17.73 -6.08 16.82
C GLU A 154 -18.76 -4.98 16.67
N GLU A 155 -18.49 -3.98 15.82
CA GLU A 155 -19.43 -2.89 15.55
C GLU A 155 -20.26 -3.13 14.28
N LEU A 156 -19.99 -4.21 13.55
CA LEU A 156 -20.79 -4.59 12.38
C LEU A 156 -22.16 -5.10 12.82
N PRO A 157 -23.13 -5.14 11.90
CA PRO A 157 -24.41 -5.80 12.25
C PRO A 157 -24.19 -7.24 12.69
N ASP A 158 -25.01 -7.69 13.66
CA ASP A 158 -24.74 -8.98 14.31
C ASP A 158 -24.74 -10.14 13.33
N ASP A 159 -25.68 -10.14 12.37
CA ASP A 159 -25.71 -11.24 11.41
C ASP A 159 -24.48 -11.21 10.51
N VAL A 160 -23.98 -10.01 10.19
CA VAL A 160 -22.77 -9.90 9.37
C VAL A 160 -21.58 -10.50 10.10
N GLN A 161 -21.38 -10.13 11.37
N GLN A 161 -21.40 -10.16 11.38
CA GLN A 161 -20.29 -10.72 12.12
CA GLN A 161 -20.28 -10.71 12.12
C GLN A 161 -20.49 -12.22 12.30
C GLN A 161 -20.50 -12.17 12.49
N ALA A 162 -21.74 -12.65 12.46
CA ALA A 162 -22.01 -14.08 12.56
C ALA A 162 -21.63 -14.79 11.27
N THR A 163 -21.97 -14.20 10.13
CA THR A 163 -21.61 -14.80 8.85
C THR A 163 -20.09 -14.92 8.72
N LEU A 164 -19.36 -13.85 9.07
CA LEU A 164 -17.91 -13.87 8.93
C LEU A 164 -17.30 -14.96 9.78
N LEU A 165 -17.70 -15.04 11.04
CA LEU A 165 -17.16 -16.04 11.97
C LEU A 165 -17.47 -17.46 11.51
N LYS A 166 -18.68 -17.69 11.00
CA LYS A 166 -19.06 -19.03 10.58
CA LYS A 166 -19.06 -19.03 10.58
C LYS A 166 -18.18 -19.53 9.45
N HIS A 167 -17.87 -18.67 8.48
CA HIS A 167 -17.07 -19.12 7.36
C HIS A 167 -15.59 -19.16 7.72
N GLU A 168 -15.15 -18.32 8.65
CA GLU A 168 -13.76 -18.38 9.09
C GLU A 168 -13.51 -19.64 9.92
N GLU A 169 -14.48 -20.03 10.76
N GLU A 169 -14.47 -20.04 10.74
CA GLU A 169 -14.32 -21.25 11.55
CA GLU A 169 -14.27 -21.25 11.53
C GLU A 169 -14.35 -22.49 10.65
C GLU A 169 -14.34 -22.50 10.64
N ALA A 170 -15.21 -22.49 9.64
CA ALA A 170 -15.31 -23.63 8.73
C ALA A 170 -14.23 -23.64 7.66
N GLY A 171 -13.55 -22.52 7.42
CA GLY A 171 -12.59 -22.42 6.34
C GLY A 171 -13.19 -22.15 4.98
N THR A 172 -14.48 -21.86 4.87
CA THR A 172 -15.10 -21.60 3.57
C THR A 172 -14.91 -20.13 3.20
N LEU A 173 -13.65 -19.80 2.91
CA LEU A 173 -13.20 -18.42 2.73
C LEU A 173 -13.45 -17.87 1.34
N THR A 174 -14.01 -18.67 0.44
CA THR A 174 -14.43 -18.21 -0.87
C THR A 174 -15.94 -18.19 -1.01
N ASP A 175 -16.67 -18.55 0.04
CA ASP A 175 -18.13 -18.53 -0.02
C ASP A 175 -18.63 -17.13 -0.32
N PRO A 176 -19.60 -16.95 -1.22
CA PRO A 176 -20.14 -15.60 -1.48
C PRO A 176 -20.73 -14.95 -0.26
N ALA A 177 -21.34 -15.71 0.66
CA ALA A 177 -21.84 -15.11 1.90
C ALA A 177 -20.70 -14.50 2.71
N TYR A 178 -19.56 -15.18 2.80
CA TYR A 178 -18.43 -14.61 3.52
C TYR A 178 -17.91 -13.36 2.81
N LEU A 179 -17.73 -13.43 1.50
CA LEU A 179 -17.18 -12.28 0.77
C LEU A 179 -18.13 -11.08 0.77
N THR A 180 -19.44 -11.32 0.71
CA THR A 180 -20.38 -10.19 0.78
C THR A 180 -20.47 -9.62 2.19
N ALA A 181 -20.44 -10.49 3.21
CA ALA A 181 -20.34 -9.99 4.58
C ALA A 181 -19.10 -9.14 4.73
N SER A 182 -18.00 -9.57 4.13
CA SER A 182 -16.76 -8.79 4.18
CA SER A 182 -16.75 -8.80 4.18
C SER A 182 -16.94 -7.40 3.59
N ARG A 183 -17.78 -7.27 2.55
CA ARG A 183 -17.95 -5.99 1.88
CA ARG A 183 -17.96 -5.99 1.88
CA ARG A 183 -17.88 -5.97 1.91
C ARG A 183 -18.57 -4.95 2.81
N VAL A 184 -19.33 -5.39 3.82
CA VAL A 184 -19.90 -4.45 4.78
C VAL A 184 -18.78 -3.76 5.56
N PHE A 185 -17.79 -4.54 6.00
CA PHE A 185 -16.62 -3.97 6.66
C PHE A 185 -15.87 -3.04 5.72
N TYR A 186 -15.63 -3.50 4.49
CA TYR A 186 -14.87 -2.70 3.53
C TYR A 186 -15.53 -1.36 3.29
N ASP A 187 -16.86 -1.34 3.19
CA ASP A 187 -17.56 -0.11 2.91
C ASP A 187 -17.47 0.88 4.07
N ARG A 188 -17.12 0.42 5.26
CA ARG A 188 -16.92 1.31 6.41
C ARG A 188 -15.46 1.74 6.56
N HIS A 189 -14.51 0.84 6.32
CA HIS A 189 -13.14 1.03 6.77
C HIS A 189 -12.07 0.87 5.71
N VAL A 190 -12.43 0.49 4.50
CA VAL A 190 -11.48 0.32 3.43
C VAL A 190 -11.68 1.38 2.35
N CYS A 191 -12.92 1.57 1.91
CA CYS A 191 -13.23 2.60 0.92
C CYS A 191 -14.69 2.98 1.14
N ARG A 192 -14.94 4.23 1.52
CA ARG A 192 -16.29 4.67 1.79
C ARG A 192 -17.00 5.23 0.58
N ILE A 193 -16.31 5.39 -0.53
CA ILE A 193 -16.94 5.82 -1.77
C ILE A 193 -17.76 4.65 -2.32
N THR A 194 -19.04 4.86 -2.52
CA THR A 194 -19.94 3.80 -2.93
C THR A 194 -20.76 4.32 -4.11
N PRO A 195 -20.72 3.65 -5.28
CA PRO A 195 -19.93 2.44 -5.52
C PRO A 195 -18.44 2.79 -5.65
N TRP A 196 -17.57 1.80 -5.61
CA TRP A 196 -16.15 2.07 -5.61
C TRP A 196 -15.76 2.80 -6.89
N PRO A 197 -14.80 3.72 -6.81
CA PRO A 197 -14.14 4.21 -8.03
C PRO A 197 -13.62 3.04 -8.86
N VAL A 198 -13.72 3.16 -10.18
CA VAL A 198 -13.39 2.04 -11.06
C VAL A 198 -11.94 1.62 -10.85
N GLU A 199 -11.07 2.58 -10.53
CA GLU A 199 -9.66 2.22 -10.38
C GLU A 199 -9.43 1.41 -9.10
N VAL A 200 -10.23 1.68 -8.05
CA VAL A 200 -10.24 0.78 -6.89
C VAL A 200 -10.79 -0.60 -7.28
N GLU A 201 -11.88 -0.62 -8.06
CA GLU A 201 -12.44 -1.89 -8.50
CA GLU A 201 -12.43 -1.89 -8.50
C GLU A 201 -11.44 -2.68 -9.36
N ARG A 202 -10.63 -1.98 -10.18
CA ARG A 202 -9.66 -2.67 -11.02
C ARG A 202 -8.68 -3.48 -10.18
N THR A 203 -8.22 -2.91 -9.07
CA THR A 203 -7.33 -3.65 -8.18
C THR A 203 -8.01 -4.86 -7.57
N PHE A 204 -9.24 -4.69 -7.05
CA PHE A 204 -9.90 -5.81 -6.39
C PHE A 204 -10.29 -6.89 -7.40
N HIS A 205 -10.59 -6.49 -8.63
CA HIS A 205 -10.88 -7.47 -9.68
C HIS A 205 -9.64 -8.30 -10.02
N GLN A 206 -8.47 -7.68 -9.99
CA GLN A 206 -7.24 -8.42 -10.30
C GLN A 206 -6.85 -9.39 -9.19
N ILE A 207 -7.17 -9.06 -7.92
CA ILE A 207 -6.98 -10.00 -6.84
C ILE A 207 -7.89 -11.21 -7.04
N ASP A 208 -9.17 -10.95 -7.29
CA ASP A 208 -10.12 -12.04 -7.58
CA ASP A 208 -10.12 -12.03 -7.58
C ASP A 208 -9.63 -12.92 -8.73
N GLU A 209 -9.08 -12.29 -9.78
CA GLU A 209 -8.65 -13.07 -10.95
CA GLU A 209 -8.65 -13.07 -10.95
C GLU A 209 -7.40 -13.91 -10.63
N ASP A 210 -6.49 -13.38 -9.82
CA ASP A 210 -5.29 -14.12 -9.42
C ASP A 210 -4.93 -13.71 -8.02
N PRO A 211 -5.48 -14.38 -7.00
CA PRO A 211 -5.20 -14.00 -5.61
C PRO A 211 -3.91 -14.57 -5.04
N THR A 212 -3.05 -15.15 -5.88
CA THR A 212 -1.87 -15.88 -5.43
C THR A 212 -1.12 -15.17 -4.30
N VAL A 213 -0.73 -13.91 -4.53
CA VAL A 213 0.13 -13.23 -3.56
C VAL A 213 -0.67 -12.85 -2.31
N TYR A 214 -1.83 -12.22 -2.51
CA TYR A 214 -2.66 -11.77 -1.40
C TYR A 214 -3.05 -12.93 -0.50
N ARG A 215 -3.38 -14.07 -1.09
CA ARG A 215 -3.79 -15.23 -0.29
C ARG A 215 -2.60 -15.82 0.46
N ALA A 216 -1.44 -15.86 -0.18
CA ALA A 216 -0.25 -16.42 0.47
C ALA A 216 0.20 -15.56 1.63
N MET A 217 0.33 -14.25 1.42
CA MET A 217 0.94 -13.39 2.42
C MET A 217 -0.04 -12.77 3.38
N ASN A 218 -1.30 -12.55 2.98
CA ASN A 218 -2.25 -11.85 3.84
C ASN A 218 -3.36 -12.78 4.29
N GLY A 219 -4.22 -13.22 3.38
CA GLY A 219 -5.40 -13.98 3.73
C GLY A 219 -6.52 -13.74 2.72
N PRO A 220 -7.75 -14.16 3.05
CA PRO A 220 -8.86 -13.98 2.10
C PRO A 220 -9.44 -12.58 2.07
N THR A 221 -9.25 -11.78 3.12
CA THR A 221 -9.86 -10.47 3.24
C THR A 221 -8.87 -9.57 3.97
N GLU A 222 -9.17 -8.26 4.00
CA GLU A 222 -8.28 -7.30 4.66
C GLU A 222 -8.09 -7.60 6.14
N PHE A 223 -9.14 -8.11 6.80
CA PHE A 223 -9.15 -8.23 8.25
C PHE A 223 -8.84 -9.64 8.75
N HIS A 224 -8.91 -10.65 7.88
CA HIS A 224 -8.68 -12.05 8.30
C HIS A 224 -7.27 -12.43 7.84
N VAL A 225 -6.28 -12.01 8.62
CA VAL A 225 -4.88 -12.10 8.22
C VAL A 225 -4.36 -13.41 8.76
N ILE A 226 -4.30 -14.44 7.89
CA ILE A 226 -3.83 -15.76 8.26
C ILE A 226 -2.64 -16.20 7.43
N GLY A 227 -2.17 -15.38 6.49
CA GLY A 227 -1.04 -15.69 5.66
C GLY A 227 0.29 -15.47 6.38
N THR A 228 1.36 -15.46 5.58
CA THR A 228 2.70 -15.42 6.18
C THR A 228 3.07 -14.09 6.81
N MET A 229 2.30 -13.02 6.58
CA MET A 229 2.55 -11.74 7.26
C MET A 229 1.88 -11.62 8.61
N LYS A 230 1.16 -12.65 9.06
N LYS A 230 1.16 -12.65 9.06
CA LYS A 230 0.29 -12.53 10.23
CA LYS A 230 0.29 -12.54 10.23
C LYS A 230 1.06 -12.21 11.51
C LYS A 230 1.05 -12.20 11.50
N ASP A 231 2.34 -12.53 11.58
CA ASP A 231 3.11 -12.25 12.79
C ASP A 231 4.13 -11.13 12.58
N TRP A 232 4.01 -10.36 11.50
CA TRP A 232 5.03 -9.38 11.15
C TRP A 232 5.00 -8.18 12.09
N SER A 233 6.18 -7.66 12.40
CA SER A 233 6.29 -6.44 13.19
C SER A 233 7.58 -5.72 12.81
N ILE A 234 7.49 -4.40 12.69
CA ILE A 234 8.67 -3.57 12.51
C ILE A 234 8.88 -2.59 13.65
N VAL A 235 7.98 -2.56 14.63
CA VAL A 235 7.95 -1.57 15.70
C VAL A 235 9.35 -1.29 16.25
N ASP A 236 10.07 -2.34 16.63
CA ASP A 236 11.33 -2.13 17.34
C ASP A 236 12.45 -1.65 16.43
N ARG A 237 12.28 -1.71 15.11
CA ARG A 237 13.31 -1.26 14.19
C ARG A 237 13.03 0.12 13.62
N LEU A 238 11.85 0.68 13.89
CA LEU A 238 11.45 1.94 13.25
C LEU A 238 12.41 3.07 13.57
N SER A 239 12.99 3.08 14.76
CA SER A 239 13.88 4.19 15.11
C SER A 239 15.09 4.27 14.19
N ASN A 240 15.33 3.26 13.35
CA ASN A 240 16.44 3.34 12.40
C ASN A 240 16.12 4.18 11.18
N ILE A 241 14.87 4.57 10.97
CA ILE A 241 14.55 5.37 9.79
C ILE A 241 15.13 6.76 9.99
N ASN A 242 15.98 7.19 9.05
CA ASN A 242 16.73 8.43 9.23
C ASN A 242 16.35 9.49 8.19
N VAL A 243 15.14 9.40 7.64
CA VAL A 243 14.64 10.43 6.71
C VAL A 243 13.36 11.01 7.30
N PRO A 244 13.02 12.24 6.91
CA PRO A 244 11.72 12.81 7.29
C PRO A 244 10.60 11.91 6.79
N THR A 245 9.65 11.66 7.67
CA THR A 245 8.54 10.78 7.37
C THR A 245 7.23 11.50 7.62
N LEU A 246 6.24 11.21 6.77
CA LEU A 246 4.87 11.69 6.94
C LEU A 246 3.96 10.47 7.09
N VAL A 247 3.13 10.51 8.11
CA VAL A 247 2.16 9.46 8.41
C VAL A 247 0.79 10.03 8.13
N ILE A 248 0.02 9.38 7.26
CA ILE A 248 -1.36 9.81 7.02
C ILE A 248 -2.30 8.63 7.25
N SER A 249 -3.53 8.96 7.65
CA SER A 249 -4.54 7.97 7.98
CA SER A 249 -4.54 7.96 7.96
C SER A 249 -5.90 8.62 7.90
N GLY A 250 -6.94 7.79 7.86
CA GLY A 250 -8.31 8.25 7.80
C GLY A 250 -9.00 8.05 9.14
N PHE A 251 -9.98 8.89 9.44
CA PHE A 251 -10.73 8.75 10.68
C PHE A 251 -11.37 7.37 10.79
N TYR A 252 -11.92 6.85 9.68
CA TYR A 252 -12.62 5.57 9.64
C TYR A 252 -11.73 4.43 9.18
N ASP A 253 -10.42 4.66 9.08
CA ASP A 253 -9.45 3.70 8.57
C ASP A 253 -9.44 2.40 9.38
N GLU A 254 -9.43 1.25 8.68
CA GLU A 254 -9.08 0.00 9.35
C GLU A 254 -7.69 0.09 9.99
N ALA A 255 -6.82 0.93 9.43
CA ALA A 255 -5.56 1.32 10.09
C ALA A 255 -5.91 2.44 11.06
N THR A 256 -6.49 2.05 12.19
CA THR A 256 -6.95 2.92 13.25
C THR A 256 -5.79 3.67 13.90
N PRO A 257 -6.07 4.70 14.72
CA PRO A 257 -4.97 5.41 15.39
C PRO A 257 -4.00 4.50 16.14
N LEU A 258 -4.50 3.45 16.81
CA LEU A 258 -3.62 2.51 17.49
C LEU A 258 -2.75 1.74 16.50
N VAL A 259 -3.30 1.39 15.33
CA VAL A 259 -2.54 0.65 14.33
C VAL A 259 -1.33 1.45 13.84
N ILE A 260 -1.51 2.75 13.59
CA ILE A 260 -0.43 3.56 13.02
CA ILE A 260 -0.41 3.53 13.02
C ILE A 260 0.48 4.15 14.08
N GLN A 261 0.05 4.19 15.34
CA GLN A 261 0.77 4.89 16.38
CA GLN A 261 0.74 4.81 16.45
C GLN A 261 2.26 4.56 16.46
N PRO A 262 2.73 3.31 16.28
CA PRO A 262 4.18 3.09 16.42
C PRO A 262 5.02 3.89 15.44
N TYR A 263 4.47 4.22 14.26
CA TYR A 263 5.24 5.04 13.32
C TYR A 263 5.43 6.44 13.89
N VAL A 264 4.37 7.00 14.47
CA VAL A 264 4.44 8.30 15.11
C VAL A 264 5.37 8.26 16.31
N ASP A 265 5.34 7.17 17.07
CA ASP A 265 6.09 7.16 18.34
C ASP A 265 7.57 6.86 18.13
N ASN A 266 7.93 6.16 17.06
CA ASN A 266 9.27 5.59 16.99
C ASN A 266 10.17 6.16 15.91
N ILE A 267 9.62 6.71 14.83
CA ILE A 267 10.45 7.34 13.79
C ILE A 267 10.93 8.70 14.30
N PRO A 268 12.24 8.97 14.25
CA PRO A 268 12.76 10.22 14.87
C PRO A 268 12.25 11.50 14.23
N ASP A 269 12.08 11.53 12.91
CA ASP A 269 11.69 12.76 12.20
C ASP A 269 10.36 12.45 11.53
N VAL A 270 9.26 12.68 12.25
CA VAL A 270 7.96 12.25 11.78
C VAL A 270 6.93 13.34 12.06
N ARG A 271 5.97 13.48 11.16
CA ARG A 271 4.76 14.25 11.40
C ARG A 271 3.56 13.47 10.84
N GLN A 272 2.36 13.84 11.28
CA GLN A 272 1.15 13.07 11.05
C GLN A 272 0.03 13.98 10.56
N SER A 273 -0.79 13.48 9.64
CA SER A 273 -2.00 14.17 9.22
C SER A 273 -3.16 13.17 9.14
N VAL A 274 -4.36 13.67 9.42
CA VAL A 274 -5.55 12.83 9.47
C VAL A 274 -6.60 13.41 8.53
N PHE A 275 -7.27 12.53 7.80
CA PHE A 275 -8.35 12.93 6.91
C PHE A 275 -9.68 12.43 7.47
N GLN A 276 -10.52 13.36 7.93
CA GLN A 276 -11.67 13.03 8.77
C GLN A 276 -12.80 12.40 8.00
N GLU A 277 -12.83 12.54 6.68
CA GLU A 277 -13.90 11.95 5.90
C GLU A 277 -13.45 10.69 5.19
N SER A 278 -12.31 10.14 5.60
CA SER A 278 -11.70 9.05 4.87
C SER A 278 -11.64 7.82 5.76
N SER A 279 -11.46 6.68 5.10
CA SER A 279 -11.10 5.46 5.79
C SER A 279 -9.70 5.06 5.35
N HIS A 280 -9.56 3.99 4.60
CA HIS A 280 -8.26 3.46 4.23
C HIS A 280 -7.66 4.13 2.99
N MET A 281 -8.45 4.92 2.26
CA MET A 281 -8.03 5.45 0.96
C MET A 281 -8.26 6.95 0.84
N PRO A 282 -7.67 7.75 1.72
CA PRO A 282 -7.84 9.20 1.58
C PRO A 282 -7.42 9.71 0.21
N HIS A 283 -6.48 9.02 -0.47
CA HIS A 283 -6.04 9.44 -1.81
C HIS A 283 -7.18 9.43 -2.83
N VAL A 284 -8.27 8.69 -2.60
CA VAL A 284 -9.47 8.88 -3.40
C VAL A 284 -10.65 9.39 -2.60
N GLU A 285 -10.67 9.21 -1.27
CA GLU A 285 -11.80 9.71 -0.49
C GLU A 285 -11.70 11.21 -0.22
N GLU A 286 -10.49 11.75 -0.09
CA GLU A 286 -10.28 13.18 0.08
C GLU A 286 -9.05 13.55 -0.76
N ARG A 287 -9.19 13.32 -2.06
CA ARG A 287 -8.06 13.34 -2.98
C ARG A 287 -7.31 14.67 -2.94
N MET A 288 -8.04 15.79 -3.03
CA MET A 288 -7.39 17.10 -3.09
CA MET A 288 -7.38 17.09 -3.10
C MET A 288 -6.56 17.35 -1.84
N ALA A 289 -7.16 17.14 -0.68
CA ALA A 289 -6.43 17.34 0.57
C ALA A 289 -5.24 16.39 0.69
N CYS A 290 -5.40 15.14 0.24
CA CYS A 290 -4.32 14.18 0.43
C CYS A 290 -3.13 14.51 -0.45
N MET A 291 -3.38 14.83 -1.73
CA MET A 291 -2.29 15.18 -2.63
C MET A 291 -1.59 16.46 -2.19
N GLY A 292 -2.37 17.43 -1.71
CA GLY A 292 -1.79 18.69 -1.26
C GLY A 292 -0.84 18.49 -0.09
N ARG A 293 -1.19 17.60 0.83
CA ARG A 293 -0.34 17.37 2.00
C ARG A 293 0.93 16.65 1.61
N VAL A 294 0.82 15.65 0.74
CA VAL A 294 1.99 14.88 0.31
C VAL A 294 2.93 15.77 -0.51
N ALA A 295 2.38 16.52 -1.46
CA ALA A 295 3.16 17.44 -2.27
C ALA A 295 3.88 18.48 -1.41
N ASP A 296 3.17 19.11 -0.48
CA ASP A 296 3.79 20.08 0.41
C ASP A 296 4.91 19.44 1.23
N PHE A 297 4.67 18.23 1.72
CA PHE A 297 5.69 17.53 2.51
C PHE A 297 6.94 17.28 1.68
N LEU A 298 6.77 16.81 0.45
CA LEU A 298 7.92 16.54 -0.41
C LEU A 298 8.66 17.82 -0.79
N ASP A 299 7.94 18.92 -1.02
CA ASP A 299 8.60 20.19 -1.32
C ASP A 299 9.43 20.67 -0.14
N GLU A 300 8.94 20.43 1.06
CA GLU A 300 9.66 20.82 2.27
C GLU A 300 10.93 20.00 2.45
N VAL A 301 10.88 18.67 2.28
CA VAL A 301 11.96 17.80 2.75
C VAL A 301 12.83 17.23 1.64
N ALA A 302 12.34 17.10 0.42
CA ALA A 302 13.11 16.48 -0.65
C ALA A 302 13.80 17.56 -1.49
N THR A 303 14.33 17.17 -2.65
N THR A 303 14.32 17.16 -2.65
CA THR A 303 14.93 18.09 -3.60
CA THR A 303 14.90 18.09 -3.60
C THR A 303 13.91 18.46 -4.67
C THR A 303 13.86 18.48 -4.65
N SER A 304 13.96 19.71 -5.13
CA SER A 304 13.03 20.25 -6.11
C SER A 304 13.75 20.69 -7.39
N GLY A 305 12.98 21.13 -8.37
CA GLY A 305 13.51 21.55 -9.65
C GLY A 305 12.60 22.49 -10.40
P PO4 B . -2.33 -5.39 4.71
O1 PO4 B . -3.70 -6.06 4.86
O2 PO4 B . -2.13 -4.42 5.87
O3 PO4 B . -2.29 -4.63 3.39
O4 PO4 B . -1.24 -6.45 4.74
#